data_4K6E
#
_entry.id   4K6E
#
_cell.length_a   85.054
_cell.length_b   85.054
_cell.length_c   48.749
_cell.angle_alpha   90.000
_cell.angle_beta   90.000
_cell.angle_gamma   120.000
#
_symmetry.space_group_name_H-M   'P 62'
#
loop_
_entity.id
_entity.type
_entity.pdbx_description
1 polymer 'mRNA-decapping enzyme subunit 2'
2 non-polymer 'MAGNESIUM ION'
3 water water
#
_entity_poly.entity_id   1
_entity_poly.type   'polypeptide(L)'
_entity_poly.pdbx_seq_one_letter_code
;SIPVRGAAIFNENLSKILLVQGTESDSWSFPRGKISKDENDIDCCIREVKEEIGFDLTDYIDDNQFIERNIQGKNYKIFL
ISGVSEVFNFKPQVRNEIDKIEWFDFKKISKTMYKSNIKYYLINSMMRPLSMWLRHQRQIKNED
;
_entity_poly.pdbx_strand_id   A
#
loop_
_chem_comp.id
_chem_comp.type
_chem_comp.name
_chem_comp.formula
MG non-polymer 'MAGNESIUM ION' 'Mg 2'
#
# COMPACT_ATOMS: atom_id res chain seq x y z
N SER A 1 -2.32 -3.64 -20.94
CA SER A 1 -2.71 -3.56 -19.54
C SER A 1 -1.87 -4.50 -18.68
N ILE A 2 -0.61 -4.13 -18.48
CA ILE A 2 0.32 -4.87 -17.64
C ILE A 2 -0.16 -4.81 -16.20
N PRO A 3 -0.16 -5.95 -15.49
CA PRO A 3 -0.55 -5.96 -14.08
C PRO A 3 0.36 -5.13 -13.18
N VAL A 4 -0.20 -4.68 -12.07
CA VAL A 4 0.52 -3.81 -11.16
C VAL A 4 0.49 -4.44 -9.77
N ARG A 5 1.62 -4.40 -9.07
CA ARG A 5 1.72 -4.98 -7.73
C ARG A 5 2.21 -3.90 -6.79
N GLY A 6 1.67 -3.88 -5.59
CA GLY A 6 2.03 -2.85 -4.62
C GLY A 6 1.70 -3.34 -3.22
N ALA A 7 1.84 -2.47 -2.23
CA ALA A 7 1.63 -2.89 -0.85
C ALA A 7 0.82 -1.90 -0.02
N ALA A 8 -0.04 -2.44 0.83
CA ALA A 8 -0.75 -1.65 1.83
C ALA A 8 0.00 -1.80 3.13
N ILE A 9 0.63 -0.72 3.58
CA ILE A 9 1.59 -0.83 4.66
C ILE A 9 1.07 -0.16 5.92
N PHE A 10 0.88 -0.95 6.98
CA PHE A 10 0.41 -0.42 8.24
C PHE A 10 1.53 -0.37 9.26
N ASN A 11 1.38 0.54 10.22
CA ASN A 11 2.40 0.70 11.25
C ASN A 11 2.26 -0.30 12.38
N GLU A 12 3.06 -0.07 13.43
CA GLU A 12 3.16 -0.99 14.55
C GLU A 12 1.81 -1.26 15.18
N ASN A 13 1.09 -0.20 15.54
CA ASN A 13 -0.18 -0.35 16.22
C ASN A 13 -1.38 -0.42 15.28
N LEU A 14 -1.12 -0.61 13.99
CA LEU A 14 -2.18 -0.78 12.98
C LEU A 14 -3.16 0.39 12.89
N SER A 15 -2.74 1.60 13.27
CA SER A 15 -3.63 2.75 13.21
C SER A 15 -3.38 3.61 11.97
N LYS A 16 -2.21 3.47 11.35
CA LYS A 16 -1.86 4.32 10.23
C LYS A 16 -1.43 3.53 9.03
N ILE A 17 -1.74 4.07 7.85
CA ILE A 17 -1.35 3.45 6.58
C ILE A 17 -0.46 4.43 5.81
N LEU A 18 0.53 3.88 5.11
CA LEU A 18 1.51 4.67 4.40
C LEU A 18 1.09 4.83 2.95
N LEU A 19 0.86 6.08 2.53
CA LEU A 19 0.41 6.35 1.16
C LEU A 19 1.40 7.27 0.45
N VAL A 20 1.44 7.21 -0.89
CA VAL A 20 2.36 8.04 -1.66
C VAL A 20 1.59 8.88 -2.68
N GLN A 21 2.12 10.05 -2.99
CA GLN A 21 1.54 10.91 -4.00
C GLN A 21 2.58 11.09 -5.11
N GLY A 22 2.19 10.82 -6.36
CA GLY A 22 3.11 10.94 -7.47
C GLY A 22 3.29 12.40 -7.81
N THR A 23 4.21 12.69 -8.72
CA THR A 23 4.54 14.05 -9.09
C THR A 23 3.62 14.60 -10.17
N GLU A 24 2.79 13.72 -10.75
CA GLU A 24 1.96 14.10 -11.87
C GLU A 24 0.47 13.94 -11.57
N SER A 25 0.16 13.67 -10.32
CA SER A 25 -1.22 13.54 -9.87
C SER A 25 -1.29 13.97 -8.43
N ASP A 26 -2.43 14.46 -7.97
CA ASP A 26 -2.54 14.77 -6.54
C ASP A 26 -3.23 13.65 -5.75
N SER A 27 -3.53 12.55 -6.43
CA SER A 27 -4.13 11.38 -5.77
C SER A 27 -3.14 10.65 -4.86
N TRP A 28 -3.65 10.19 -3.72
CA TRP A 28 -2.88 9.36 -2.80
C TRP A 28 -3.20 7.89 -3.03
N SER A 29 -2.17 7.05 -3.04
CA SER A 29 -2.38 5.62 -3.25
C SER A 29 -1.24 4.79 -2.66
N PHE A 30 -1.27 3.49 -2.92
CA PHE A 30 -0.24 2.59 -2.42
C PHE A 30 1.03 2.70 -3.28
N PRO A 31 2.22 2.54 -2.65
CA PRO A 31 3.41 2.39 -3.49
C PRO A 31 3.23 1.12 -4.33
N ARG A 32 3.56 1.19 -5.61
CA ARG A 32 3.25 0.10 -6.52
C ARG A 32 3.94 0.35 -7.84
N GLY A 33 3.96 -0.66 -8.70
CA GLY A 33 4.48 -0.47 -10.06
C GLY A 33 4.16 -1.67 -10.94
N LYS A 34 4.36 -1.51 -12.25
CA LYS A 34 4.12 -2.57 -13.23
C LYS A 34 5.06 -3.74 -13.10
N ILE A 35 4.53 -4.93 -13.33
CA ILE A 35 5.34 -6.13 -13.51
C ILE A 35 6.37 -5.91 -14.60
N SER A 36 7.64 -6.12 -14.25
CA SER A 36 8.73 -6.06 -15.21
C SER A 36 9.02 -7.49 -15.65
N LYS A 37 8.84 -7.76 -16.94
CA LYS A 37 8.78 -9.13 -17.47
C LYS A 37 9.80 -10.13 -16.93
N ASP A 38 9.38 -11.40 -16.90
CA ASP A 38 10.15 -12.49 -16.30
C ASP A 38 10.33 -12.28 -14.81
N GLU A 39 9.23 -12.00 -14.11
CA GLU A 39 9.28 -11.81 -12.66
C GLU A 39 7.94 -12.12 -12.01
N ASN A 40 7.97 -12.62 -10.78
CA ASN A 40 6.72 -13.01 -10.11
C ASN A 40 6.14 -11.86 -9.29
N ASP A 41 4.96 -12.08 -8.71
CA ASP A 41 4.23 -11.03 -8.02
C ASP A 41 5.01 -10.43 -6.85
N ILE A 42 5.66 -11.29 -6.07
CA ILE A 42 6.34 -10.84 -4.86
C ILE A 42 7.58 -10.02 -5.20
N ASP A 43 8.38 -10.49 -6.14
CA ASP A 43 9.59 -9.76 -6.51
C ASP A 43 9.23 -8.42 -7.11
N CYS A 44 8.15 -8.38 -7.89
CA CYS A 44 7.71 -7.11 -8.44
C CYS A 44 7.36 -6.15 -7.31
N CYS A 45 6.56 -6.61 -6.36
CA CYS A 45 6.15 -5.76 -5.25
C CYS A 45 7.37 -5.27 -4.43
N ILE A 46 8.29 -6.17 -4.13
CA ILE A 46 9.47 -5.79 -3.35
C ILE A 46 10.27 -4.72 -4.10
N ARG A 47 10.47 -4.91 -5.40
CA ARG A 47 11.29 -3.97 -6.15
C ARG A 47 10.63 -2.60 -6.23
N GLU A 48 9.36 -2.60 -6.58
CA GLU A 48 8.62 -1.35 -6.79
C GLU A 48 8.46 -0.52 -5.51
N VAL A 49 8.16 -1.17 -4.40
CA VAL A 49 7.99 -0.47 -3.14
C VAL A 49 9.34 0.08 -2.68
N LYS A 50 10.40 -0.70 -2.88
CA LYS A 50 11.73 -0.18 -2.55
C LYS A 50 12.10 1.05 -3.39
N GLU A 51 11.77 1.03 -4.68
CA GLU A 51 12.03 2.20 -5.54
C GLU A 51 11.26 3.41 -5.05
N GLU A 52 10.01 3.19 -4.67
CA GLU A 52 9.14 4.33 -4.36
C GLU A 52 9.27 4.87 -2.94
N ILE A 53 9.57 4.01 -1.97
CA ILE A 53 9.73 4.48 -0.58
C ILE A 53 11.02 4.07 0.11
N GLY A 54 11.90 3.34 -0.58
CA GLY A 54 13.19 3.01 0.00
C GLY A 54 13.17 2.00 1.15
N PHE A 55 12.09 1.22 1.26
CA PHE A 55 11.95 0.20 2.31
C PHE A 55 11.82 -1.15 1.64
N ASP A 56 12.59 -2.12 2.12
CA ASP A 56 12.64 -3.46 1.52
C ASP A 56 11.68 -4.38 2.26
N LEU A 57 10.65 -4.86 1.56
CA LEU A 57 9.59 -5.66 2.18
C LEU A 57 9.88 -7.15 2.30
N THR A 58 11.10 -7.57 1.97
CA THR A 58 11.41 -9.01 1.90
C THR A 58 10.95 -9.83 3.12
N ASP A 59 11.24 -9.34 4.31
CA ASP A 59 10.94 -10.10 5.53
C ASP A 59 9.52 -9.89 6.04
N TYR A 60 8.73 -9.08 5.34
CA TYR A 60 7.40 -8.70 5.82
C TYR A 60 6.26 -9.27 4.96
N ILE A 61 6.58 -9.54 3.70
CA ILE A 61 5.55 -9.89 2.74
C ILE A 61 5.07 -11.33 2.93
N ASP A 62 3.77 -11.56 2.74
CA ASP A 62 3.17 -12.88 2.93
C ASP A 62 2.33 -13.11 1.69
N ASP A 63 2.75 -14.08 0.88
CA ASP A 63 2.12 -14.29 -0.43
C ASP A 63 0.64 -14.67 -0.35
N ASN A 64 0.16 -14.95 0.87
CA ASN A 64 -1.25 -15.30 1.08
C ASN A 64 -2.10 -14.11 1.49
N GLN A 65 -1.44 -12.99 1.80
CA GLN A 65 -2.12 -11.82 2.34
C GLN A 65 -2.11 -10.69 1.33
N PHE A 66 -3.15 -10.64 0.51
CA PHE A 66 -3.22 -9.59 -0.52
C PHE A 66 -4.68 -9.31 -0.88
N ILE A 67 -4.91 -8.18 -1.53
CA ILE A 67 -6.22 -7.88 -2.11
C ILE A 67 -6.00 -7.68 -3.59
N GLU A 68 -6.86 -8.31 -4.40
CA GLU A 68 -6.71 -8.25 -5.84
C GLU A 68 -7.95 -7.57 -6.42
N ARG A 69 -7.75 -6.62 -7.33
CA ARG A 69 -8.86 -5.93 -7.99
C ARG A 69 -8.53 -5.68 -9.45
N ASN A 70 -9.53 -5.82 -10.31
CA ASN A 70 -9.42 -5.44 -11.72
C ASN A 70 -10.08 -4.09 -11.90
N ILE A 71 -9.30 -3.09 -12.32
CA ILE A 71 -9.76 -1.71 -12.33
C ILE A 71 -9.39 -1.05 -13.64
N GLN A 72 -10.40 -0.64 -14.41
CA GLN A 72 -10.18 -0.05 -15.72
C GLN A 72 -9.27 -0.93 -16.60
N GLY A 73 -9.51 -2.24 -16.55
CA GLY A 73 -8.73 -3.17 -17.35
C GLY A 73 -7.44 -3.72 -16.75
N LYS A 74 -6.91 -3.09 -15.71
CA LYS A 74 -5.64 -3.55 -15.13
C LYS A 74 -5.84 -4.40 -13.88
N ASN A 75 -5.04 -5.46 -13.76
CA ASN A 75 -5.06 -6.26 -12.54
C ASN A 75 -4.12 -5.67 -11.49
N TYR A 76 -4.69 -5.27 -10.35
CA TYR A 76 -3.89 -4.80 -9.22
C TYR A 76 -3.89 -5.86 -8.15
N LYS A 77 -2.71 -6.14 -7.61
CA LYS A 77 -2.59 -7.06 -6.48
C LYS A 77 -1.84 -6.31 -5.40
N ILE A 78 -2.52 -6.01 -4.30
CA ILE A 78 -1.93 -5.20 -3.24
C ILE A 78 -1.66 -6.07 -2.01
N PHE A 79 -0.39 -6.30 -1.70
CA PHE A 79 -0.04 -7.11 -0.53
C PHE A 79 -0.27 -6.35 0.77
N LEU A 80 -0.62 -7.08 1.83
CA LEU A 80 -0.99 -6.49 3.10
C LEU A 80 0.17 -6.64 4.07
N ILE A 81 0.60 -5.53 4.67
CA ILE A 81 1.83 -5.50 5.46
C ILE A 81 1.49 -4.80 6.78
N SER A 82 1.97 -5.35 7.89
CA SER A 82 1.79 -4.70 9.20
C SER A 82 3.12 -4.61 9.94
N GLY A 83 3.18 -3.79 10.98
CA GLY A 83 4.38 -3.73 11.83
C GLY A 83 5.54 -2.89 11.34
N VAL A 84 5.32 -2.01 10.36
CA VAL A 84 6.42 -1.21 9.85
C VAL A 84 6.63 0.06 10.70
N SER A 85 7.88 0.36 11.05
CA SER A 85 8.21 1.51 11.91
C SER A 85 7.79 2.86 11.31
N GLU A 86 7.09 3.69 12.08
CA GLU A 86 6.67 5.00 11.57
C GLU A 86 7.84 5.94 11.35
N VAL A 87 8.90 5.77 12.13
CA VAL A 87 10.02 6.70 12.09
C VAL A 87 11.11 6.28 11.11
N PHE A 88 10.85 5.22 10.34
CA PHE A 88 11.78 4.84 9.28
C PHE A 88 11.90 6.01 8.29
N ASN A 89 13.11 6.32 7.86
CA ASN A 89 13.38 7.41 6.92
C ASN A 89 12.99 7.06 5.47
N PHE A 90 11.69 7.04 5.17
CA PHE A 90 11.24 6.70 3.82
C PHE A 90 11.70 7.75 2.82
N LYS A 91 12.14 7.30 1.66
CA LYS A 91 12.52 8.22 0.59
C LYS A 91 12.67 7.47 -0.72
N PRO A 92 12.28 8.10 -1.82
CA PRO A 92 12.23 7.38 -3.10
C PRO A 92 13.64 7.12 -3.59
N GLN A 93 13.82 6.06 -4.37
CA GLN A 93 15.13 5.77 -4.90
C GLN A 93 15.17 5.99 -6.41
N VAL A 94 14.08 6.51 -6.96
CA VAL A 94 14.03 6.86 -8.37
C VAL A 94 13.69 8.34 -8.46
N ARG A 95 14.01 8.94 -9.62
CA ARG A 95 13.84 10.38 -9.80
C ARG A 95 12.46 10.73 -10.35
N ASN A 96 11.99 11.94 -10.01
CA ASN A 96 10.81 12.54 -10.64
C ASN A 96 9.50 11.73 -10.57
N GLU A 97 9.41 10.80 -9.64
CA GLU A 97 8.25 9.91 -9.60
C GLU A 97 7.35 10.15 -8.39
N ILE A 98 7.93 10.19 -7.19
CA ILE A 98 7.16 10.29 -5.96
C ILE A 98 7.33 11.68 -5.37
N ASP A 99 6.21 12.36 -5.11
CA ASP A 99 6.27 13.72 -4.59
C ASP A 99 6.22 13.71 -3.07
N LYS A 100 5.35 12.88 -2.50
CA LYS A 100 5.18 12.85 -1.04
C LYS A 100 4.95 11.44 -0.54
N ILE A 101 5.43 11.17 0.68
CA ILE A 101 5.18 9.91 1.36
C ILE A 101 4.71 10.27 2.76
N GLU A 102 3.52 9.81 3.16
CA GLU A 102 2.96 10.23 4.43
C GLU A 102 2.12 9.13 5.06
N TRP A 103 2.10 9.07 6.39
CA TRP A 103 1.20 8.19 7.11
C TRP A 103 -0.19 8.82 7.23
N PHE A 104 -1.23 8.02 7.01
CA PHE A 104 -2.59 8.51 7.18
C PHE A 104 -3.28 7.72 8.30
N ASP A 105 -4.00 8.41 9.16
CA ASP A 105 -4.86 7.76 10.14
C ASP A 105 -5.93 7.00 9.37
N PHE A 106 -5.91 5.68 9.45
CA PHE A 106 -6.79 4.86 8.63
C PHE A 106 -8.26 5.08 9.00
N LYS A 107 -8.54 5.24 10.29
CA LYS A 107 -9.91 5.49 10.73
C LYS A 107 -10.46 6.80 10.19
N LYS A 108 -9.63 7.84 10.16
CA LYS A 108 -10.08 9.12 9.61
C LYS A 108 -10.42 9.02 8.12
N ILE A 109 -9.57 8.35 7.35
CA ILE A 109 -9.82 8.11 5.92
C ILE A 109 -11.20 7.51 5.70
N SER A 110 -11.49 6.43 6.42
CA SER A 110 -12.77 5.74 6.29
C SER A 110 -13.97 6.63 6.62
N LYS A 111 -13.78 7.51 7.61
CA LYS A 111 -14.84 8.41 8.04
C LYS A 111 -15.05 9.58 7.09
N THR A 112 -13.97 10.04 6.47
CA THR A 112 -14.01 11.26 5.67
C THR A 112 -13.79 10.99 4.19
N MET A 113 -14.06 9.76 3.75
CA MET A 113 -13.77 9.29 2.39
C MET A 113 -14.10 10.29 1.28
N TYR A 114 -15.31 10.21 0.76
CA TYR A 114 -15.76 11.17 -0.25
C TYR A 114 -16.40 12.35 0.46
N LYS A 115 -15.59 13.07 1.24
CA LYS A 115 -16.08 14.20 2.03
C LYS A 115 -15.00 15.26 2.25
N SER A 116 -13.74 14.89 2.00
CA SER A 116 -12.62 15.79 2.16
C SER A 116 -12.17 16.40 0.83
N ASN A 117 -11.19 17.28 0.89
CA ASN A 117 -10.59 17.84 -0.31
C ASN A 117 -9.51 16.89 -0.85
N ILE A 118 -9.31 15.77 -0.16
CA ILE A 118 -8.22 14.84 -0.46
C ILE A 118 -8.63 13.74 -1.44
N LYS A 119 -7.86 13.58 -2.53
CA LYS A 119 -8.15 12.55 -3.52
C LYS A 119 -7.35 11.27 -3.30
N TYR A 120 -8.02 10.14 -3.55
CA TYR A 120 -7.44 8.82 -3.35
C TYR A 120 -7.58 8.01 -4.63
N TYR A 121 -6.73 6.99 -4.79
CA TYR A 121 -6.86 6.05 -5.89
C TYR A 121 -6.59 4.63 -5.38
N LEU A 122 -7.38 3.67 -5.85
CA LEU A 122 -7.35 2.26 -5.39
C LEU A 122 -7.90 2.03 -3.98
N ILE A 123 -7.39 2.79 -3.02
CA ILE A 123 -7.75 2.52 -1.63
C ILE A 123 -9.25 2.73 -1.40
N ASN A 124 -9.85 3.65 -2.13
CA ASN A 124 -11.28 3.89 -1.98
C ASN A 124 -12.16 2.71 -2.43
N SER A 125 -11.63 1.86 -3.30
CA SER A 125 -12.40 0.69 -3.72
C SER A 125 -12.02 -0.56 -2.91
N MET A 126 -11.13 -0.38 -1.93
CA MET A 126 -10.62 -1.49 -1.13
C MET A 126 -10.84 -1.30 0.37
N MET A 127 -11.63 -0.29 0.73
CA MET A 127 -11.81 0.03 2.16
C MET A 127 -12.36 -1.12 2.97
N ARG A 128 -13.31 -1.86 2.41
CA ARG A 128 -13.94 -2.93 3.16
C ARG A 128 -12.99 -4.08 3.47
N PRO A 129 -12.39 -4.71 2.43
CA PRO A 129 -11.47 -5.80 2.80
C PRO A 129 -10.27 -5.34 3.65
N LEU A 130 -9.84 -4.09 3.49
CA LEU A 130 -8.78 -3.55 4.32
C LEU A 130 -9.20 -3.54 5.79
N SER A 131 -10.35 -2.96 6.10
CA SER A 131 -10.79 -2.87 7.50
C SER A 131 -11.15 -4.24 8.08
N MET A 132 -11.63 -5.14 7.22
CA MET A 132 -11.85 -6.53 7.62
C MET A 132 -10.52 -7.18 8.00
N TRP A 133 -9.48 -6.90 7.22
CA TRP A 133 -8.17 -7.46 7.51
C TRP A 133 -7.63 -6.98 8.85
N LEU A 134 -7.80 -5.68 9.11
CA LEU A 134 -7.37 -5.10 10.38
C LEU A 134 -8.11 -5.73 11.57
N ARG A 135 -9.42 -5.93 11.39
CA ARG A 135 -10.24 -6.57 12.42
C ARG A 135 -9.65 -7.93 12.71
N HIS A 136 -9.40 -8.68 11.65
CA HIS A 136 -8.82 -10.01 11.77
C HIS A 136 -7.48 -9.99 12.53
N GLN A 137 -6.63 -9.00 12.23
CA GLN A 137 -5.36 -8.86 12.93
C GLN A 137 -5.52 -8.76 14.45
N ARG A 138 -6.56 -8.07 14.92
CA ARG A 138 -6.78 -8.01 16.37
C ARG A 138 -7.28 -9.33 16.93
N GLN A 139 -8.13 -9.99 16.17
CA GLN A 139 -8.72 -11.25 16.61
C GLN A 139 -7.69 -12.35 16.85
N ILE A 140 -6.54 -12.25 16.18
CA ILE A 140 -5.51 -13.28 16.29
C ILE A 140 -4.37 -12.95 17.23
N LYS A 141 -4.42 -11.79 17.87
CA LYS A 141 -3.36 -11.36 18.80
C LYS A 141 -2.99 -12.42 19.84
N ASN A 142 -3.98 -13.14 20.38
CA ASN A 142 -3.69 -14.06 21.47
C ASN A 142 -3.05 -15.36 20.96
N GLU A 143 -3.00 -15.52 19.64
CA GLU A 143 -2.48 -16.73 19.01
C GLU A 143 -0.96 -16.74 18.99
N ASP A 144 -0.39 -15.56 19.14
CA ASP A 144 1.04 -15.39 19.17
C ASP A 144 1.56 -15.35 20.59
MG MG B . 7.91 1.63 -10.88
#